data_3OYE
#
_entry.id   3OYE
#
_cell.length_a   159.500
_cell.length_b   159.500
_cell.length_c   123.110
_cell.angle_alpha   90.000
_cell.angle_beta   90.000
_cell.angle_gamma   90.000
#
_symmetry.space_group_name_H-M   'P 41 21 2'
#
loop_
_entity.id
_entity.type
_entity.pdbx_description
1 polymer 'PFV integrase'
2 polymer "DNA (5'-D(*AP*TP*TP*GP*TP*CP*AP*TP*GP*GP*AP*AP*TP*TP*TP*CP*GP*CP*A)-3')"
3 polymer "DNA (5'-D(*TP*GP*CP*GP*AP*AP*AP*TP*TP*CP*CP*AP*TP*GP*AP*CP*A)-3')"
4 non-polymer 'ZINC ION'
5 non-polymer 'SULFATE ION'
6 non-polymer GLYCEROL
7 non-polymer 'AMMONIUM ION'
8 non-polymer 'MAGNESIUM ION'
9 non-polymer "N-[(6S)-2-(4-fluorobenzyl)-10-hydroxy-6-methyl-8-(1-methylethyl)-1,9-dioxo-1,2,6,7,8,9-hexahydropyrazino[1',2':1,5]pyrrolo[2,3-d]pyridazin-4-yl]-N-methylmethanesulfonamide"
10 water water
#
loop_
_entity_poly.entity_id
_entity_poly.type
_entity_poly.pdbx_seq_one_letter_code
_entity_poly.pdbx_strand_id
1 'polypeptide(L)'
;GPGCNTKKPNLDAELDQLLQGHYIKGYPKQYTYFLEDGKVKVSRPEGVKIIPPQSDRQKIVLQAHNLAHTGREATLLKIA
NLYWWPNMRKDVVKQLGRCQQCLITNASNKASGPILRPDRPQKPFDKFFIDYIGPLPPSQGYLYVLVVVDGMTGFTWLYP
TKAPSTSATVKSLNVLTSIAIPKVIHSDQGAAFTSSTFAEWAKERGIHLEFSTPYHPQSSGKVERKNSDIKRLLTKLLVG
RPTKWYDLLPVVQLALNNTYSPVLKYTPHQLLFGIDSNTPFANQDTLDLTREEELSLLQEIRTSLYHPSTPPASSRSWSP
VVGQLVQERVARPASLRPRWHKPSTVLKVLNPRTVVILDHLGNNRTVSIDNLKPTSHQNGTTNDTATMDHLEKNE
;
A,B
2 'polydeoxyribonucleotide' (DA)(DT)(DT)(DG)(DT)(DC)(DA)(DT)(DG)(DG)(DA)(DA)(DT)(DT)(DT)(DC)(DG)(DC)(DA) C
3 'polydeoxyribonucleotide' (DT)(DG)(DC)(DG)(DA)(DA)(DA)(DT)(DT)(DC)(DC)(DA)(DT)(DG)(DA)(DC)(DA) D
#
# COMPACT_ATOMS: atom_id res chain seq x y z
N LEU A 11 2.58 37.88 -48.92
CA LEU A 11 3.40 37.03 -49.84
C LEU A 11 4.13 37.86 -50.92
N ASP A 12 3.74 37.67 -52.20
CA ASP A 12 4.28 38.44 -53.34
C ASP A 12 3.94 39.92 -53.21
N ALA A 13 2.79 40.20 -52.61
CA ALA A 13 2.37 41.56 -52.29
C ALA A 13 3.44 42.26 -51.46
N GLU A 14 3.69 41.74 -50.25
CA GLU A 14 4.67 42.30 -49.29
C GLU A 14 6.04 42.49 -49.91
N LEU A 15 6.51 41.49 -50.64
CA LEU A 15 7.85 41.49 -51.19
C LEU A 15 8.02 42.46 -52.37
N ASP A 16 6.92 42.82 -53.02
CA ASP A 16 6.97 43.82 -54.10
C ASP A 16 7.21 45.20 -53.48
N GLN A 17 6.32 45.59 -52.55
CA GLN A 17 6.49 46.86 -51.81
C GLN A 17 7.92 47.04 -51.30
N LEU A 18 8.44 45.97 -50.71
CA LEU A 18 9.77 45.95 -50.13
C LEU A 18 10.89 46.28 -51.12
N LEU A 19 10.78 45.76 -52.34
CA LEU A 19 11.81 45.94 -53.36
C LEU A 19 11.96 47.39 -53.80
N GLN A 20 10.82 48.08 -53.94
CA GLN A 20 10.84 49.49 -54.31
C GLN A 20 11.08 50.43 -53.10
N GLY A 21 11.82 49.95 -52.12
CA GLY A 21 12.28 50.77 -50.98
C GLY A 21 11.28 51.24 -49.95
N HIS A 22 10.00 50.88 -50.11
CA HIS A 22 8.95 51.11 -49.08
C HIS A 22 9.36 50.45 -47.73
N TYR A 23 8.68 50.80 -46.63
CA TYR A 23 8.92 50.12 -45.35
C TYR A 23 7.79 49.18 -44.93
N ILE A 24 8.13 47.92 -44.64
CA ILE A 24 7.19 46.93 -44.09
C ILE A 24 7.61 46.53 -42.68
N LYS A 25 6.64 46.46 -41.77
CA LYS A 25 6.91 46.13 -40.37
C LYS A 25 7.56 44.75 -40.23
N GLY A 26 8.66 44.72 -39.47
CA GLY A 26 9.42 43.50 -39.30
C GLY A 26 10.61 43.43 -40.22
N TYR A 27 10.63 44.24 -41.26
CA TYR A 27 11.77 44.29 -42.18
C TYR A 27 12.57 45.53 -41.90
N PRO A 28 13.66 45.41 -41.13
CA PRO A 28 14.43 46.61 -40.76
C PRO A 28 14.90 47.37 -42.00
N LYS A 29 14.65 48.69 -42.01
CA LYS A 29 14.91 49.54 -43.20
C LYS A 29 16.39 49.78 -43.50
N GLN A 30 17.24 49.56 -42.50
CA GLN A 30 18.67 49.85 -42.63
C GLN A 30 19.45 48.87 -43.51
N TYR A 31 18.80 47.80 -43.98
CA TYR A 31 19.44 46.82 -44.86
C TYR A 31 18.94 46.96 -46.29
N THR A 32 19.81 46.72 -47.26
CA THR A 32 19.41 46.83 -48.67
C THR A 32 18.87 45.50 -49.25
N TYR A 33 17.56 45.49 -49.56
CA TYR A 33 16.85 44.34 -50.14
C TYR A 33 16.80 44.39 -51.68
N PHE A 34 17.18 43.31 -52.35
CA PHE A 34 17.29 43.33 -53.81
C PHE A 34 16.78 42.08 -54.54
N LEU A 35 16.64 42.19 -55.87
CA LEU A 35 16.28 41.03 -56.71
C LEU A 35 17.51 40.43 -57.39
N GLU A 36 17.54 39.11 -57.47
CA GLU A 36 18.63 38.34 -58.08
C GLU A 36 18.12 36.91 -58.31
N ASP A 37 18.35 36.38 -59.51
CA ASP A 37 17.88 35.03 -59.89
C ASP A 37 16.36 34.84 -59.74
N GLY A 38 15.62 35.93 -59.68
CA GLY A 38 14.16 35.86 -59.47
C GLY A 38 13.76 35.61 -58.02
N LYS A 39 14.64 36.02 -57.10
CA LYS A 39 14.49 35.80 -55.67
C LYS A 39 14.88 37.06 -54.88
N VAL A 40 14.04 37.45 -53.93
CA VAL A 40 14.33 38.61 -53.07
C VAL A 40 15.43 38.26 -52.10
N LYS A 41 16.49 39.06 -52.07
CA LYS A 41 17.61 38.81 -51.18
C LYS A 41 17.88 40.02 -50.27
N VAL A 42 18.51 39.77 -49.11
CA VAL A 42 18.97 40.85 -48.24
C VAL A 42 20.42 40.60 -47.84
N SER A 43 21.16 41.70 -47.66
CA SER A 43 22.57 41.62 -47.33
C SER A 43 22.76 41.74 -45.81
N ARG A 44 22.88 40.60 -45.14
CA ARG A 44 22.91 40.58 -43.68
C ARG A 44 24.33 40.40 -43.12
N PRO A 45 24.58 40.89 -41.89
CA PRO A 45 25.95 40.78 -41.35
C PRO A 45 26.57 39.39 -41.54
N GLU A 46 25.74 38.34 -41.48
CA GLU A 46 26.18 36.94 -41.67
C GLU A 46 26.45 36.61 -43.16
N GLY A 47 25.94 37.45 -44.05
CA GLY A 47 25.98 37.19 -45.49
C GLY A 47 24.63 37.41 -46.14
N VAL A 48 24.54 37.07 -47.42
CA VAL A 48 23.34 37.35 -48.19
C VAL A 48 22.40 36.18 -48.04
N LYS A 49 21.16 36.45 -47.65
CA LYS A 49 20.17 35.40 -47.48
C LYS A 49 18.93 35.68 -48.31
N ILE A 50 18.25 34.61 -48.73
CA ILE A 50 17.01 34.72 -49.49
C ILE A 50 15.83 34.98 -48.56
N ILE A 51 14.98 35.92 -48.95
CA ILE A 51 13.72 36.14 -48.26
C ILE A 51 12.61 35.45 -49.02
N PRO A 52 12.20 34.27 -48.56
CA PRO A 52 11.08 33.62 -49.21
C PRO A 52 9.76 34.34 -48.92
N PRO A 53 8.82 34.28 -49.88
CA PRO A 53 7.47 34.82 -49.65
C PRO A 53 6.79 34.10 -48.50
N GLN A 54 6.03 34.85 -47.70
CA GLN A 54 5.29 34.26 -46.59
C GLN A 54 4.62 32.94 -46.92
N SER A 55 4.06 32.81 -48.13
CA SER A 55 3.29 31.61 -48.49
C SER A 55 4.19 30.40 -48.73
N ASP A 56 5.49 30.63 -48.58
CA ASP A 56 6.52 29.62 -48.81
C ASP A 56 7.13 29.11 -47.49
N ARG A 57 7.00 29.93 -46.45
CA ARG A 57 7.75 29.79 -45.22
C ARG A 57 7.43 28.55 -44.37
N GLN A 58 6.16 28.23 -44.22
CA GLN A 58 5.77 27.00 -43.53
C GLN A 58 6.43 25.78 -44.14
N LYS A 59 6.48 25.70 -45.46
CA LYS A 59 7.04 24.56 -46.17
C LYS A 59 8.56 24.47 -45.97
N ILE A 60 9.21 25.61 -45.80
CA ILE A 60 10.63 25.62 -45.58
C ILE A 60 10.94 25.08 -44.18
N VAL A 61 10.22 25.61 -43.18
CA VAL A 61 10.41 25.19 -41.80
C VAL A 61 10.24 23.70 -41.66
N LEU A 62 9.25 23.16 -42.34
CA LEU A 62 8.93 21.78 -42.24
C LEU A 62 10.05 20.88 -42.84
N GLN A 63 10.56 21.25 -44.01
CA GLN A 63 11.64 20.55 -44.62
C GLN A 63 12.87 20.61 -43.75
N ALA A 64 13.20 21.80 -43.27
CA ALA A 64 14.28 21.97 -42.33
C ALA A 64 14.09 21.01 -41.14
N HIS A 65 12.95 21.14 -40.45
CA HIS A 65 12.67 20.32 -39.28
C HIS A 65 12.73 18.85 -39.58
N ASN A 66 12.14 18.40 -40.68
CA ASN A 66 12.03 16.95 -40.92
C ASN A 66 13.31 16.20 -41.15
N LEU A 67 14.37 16.89 -41.54
CA LEU A 67 15.65 16.25 -41.83
C LEU A 67 16.01 15.28 -40.73
N ALA A 68 15.94 15.75 -39.48
CA ALA A 68 16.23 14.93 -38.29
C ALA A 68 15.24 15.11 -37.15
N HIS A 69 14.12 15.79 -37.42
CA HIS A 69 13.13 16.13 -36.37
C HIS A 69 13.76 16.88 -35.21
N THR A 70 14.46 17.96 -35.57
CA THR A 70 15.24 18.75 -34.63
C THR A 70 14.36 19.74 -33.90
N GLY A 71 14.85 20.17 -32.74
CA GLY A 71 14.13 21.16 -31.94
C GLY A 71 14.36 22.57 -32.47
N ARG A 72 14.19 23.55 -31.59
CA ARG A 72 14.19 24.94 -32.02
C ARG A 72 15.49 25.35 -32.66
N GLU A 73 16.57 25.36 -31.89
CA GLU A 73 17.85 25.89 -32.37
C GLU A 73 18.44 25.12 -33.54
N ALA A 74 18.44 23.79 -33.48
CA ALA A 74 19.03 23.05 -34.57
C ALA A 74 18.25 23.22 -35.87
N THR A 75 16.95 23.45 -35.76
CA THR A 75 16.11 23.65 -36.95
C THR A 75 16.42 25.04 -37.47
N LEU A 76 16.46 26.00 -36.56
CA LEU A 76 16.74 27.35 -36.98
C LEU A 76 18.07 27.42 -37.73
N LEU A 77 19.10 26.74 -37.20
CA LEU A 77 20.42 26.88 -37.78
C LEU A 77 20.46 26.39 -39.21
N LYS A 78 19.70 25.34 -39.51
CA LYS A 78 19.62 24.89 -40.89
C LYS A 78 19.00 25.95 -41.76
N ILE A 79 17.89 26.54 -41.32
CA ILE A 79 17.15 27.49 -42.14
C ILE A 79 18.02 28.70 -42.38
N ALA A 80 18.72 29.12 -41.34
CA ALA A 80 19.52 30.31 -41.41
C ALA A 80 20.65 30.18 -42.41
N ASN A 81 20.97 28.96 -42.81
CA ASN A 81 22.00 28.80 -43.84
C ASN A 81 21.63 29.45 -45.17
N LEU A 82 20.35 29.37 -45.52
CA LEU A 82 19.88 29.84 -46.82
C LEU A 82 18.98 31.06 -46.71
N TYR A 83 18.24 31.13 -45.61
CA TYR A 83 17.17 32.12 -45.56
C TYR A 83 17.29 33.17 -44.47
N TRP A 84 16.54 34.26 -44.67
CA TRP A 84 16.18 35.18 -43.61
C TRP A 84 14.75 35.63 -43.84
N TRP A 85 14.02 35.83 -42.74
CA TRP A 85 12.77 36.56 -42.73
C TRP A 85 12.46 37.01 -41.29
N PRO A 86 11.50 37.93 -41.08
CA PRO A 86 11.31 38.42 -39.70
C PRO A 86 10.72 37.35 -38.83
N ASN A 87 11.27 37.22 -37.61
CA ASN A 87 10.77 36.30 -36.56
C ASN A 87 10.72 34.85 -36.99
N MET A 88 11.86 34.31 -37.38
CA MET A 88 11.91 32.93 -37.86
C MET A 88 11.56 31.90 -36.79
N ARG A 89 12.14 32.06 -35.61
CA ARG A 89 11.87 31.13 -34.52
C ARG A 89 10.38 31.01 -34.20
N LYS A 90 9.63 32.12 -34.32
CA LYS A 90 8.19 32.01 -34.13
C LYS A 90 7.59 31.01 -35.10
N ASP A 91 8.05 31.03 -36.34
CA ASP A 91 7.55 30.08 -37.32
C ASP A 91 8.13 28.69 -37.10
N VAL A 92 9.33 28.64 -36.51
CA VAL A 92 9.94 27.37 -36.18
C VAL A 92 9.12 26.69 -35.08
N VAL A 93 8.93 27.42 -33.99
CA VAL A 93 8.17 26.93 -32.85
C VAL A 93 6.76 26.54 -33.24
N LYS A 94 6.14 27.31 -34.12
CA LYS A 94 4.81 27.01 -34.62
C LYS A 94 4.79 25.57 -35.12
N GLN A 95 5.79 25.17 -35.90
CA GLN A 95 5.77 23.84 -36.48
C GLN A 95 6.08 22.77 -35.47
N LEU A 96 6.99 23.07 -34.52
CA LEU A 96 7.37 22.08 -33.53
C LEU A 96 6.15 21.69 -32.70
N GLY A 97 5.29 22.65 -32.38
CA GLY A 97 4.06 22.41 -31.66
C GLY A 97 3.04 21.59 -32.43
N ARG A 98 3.25 21.47 -33.74
CA ARG A 98 2.35 20.69 -34.58
C ARG A 98 2.92 19.35 -35.04
N CYS A 99 4.14 19.00 -34.63
CA CYS A 99 4.74 17.72 -35.07
C CYS A 99 4.39 16.61 -34.07
N GLN A 100 3.43 15.79 -34.46
CA GLN A 100 2.90 14.74 -33.62
C GLN A 100 4.06 13.89 -33.16
N GLN A 101 4.95 13.58 -34.09
CA GLN A 101 6.06 12.69 -33.83
C GLN A 101 7.05 13.25 -32.79
N CYS A 102 7.51 14.47 -32.98
CA CYS A 102 8.31 15.09 -31.95
C CYS A 102 7.61 15.12 -30.61
N LEU A 103 6.32 15.47 -30.57
CA LEU A 103 5.64 15.68 -29.29
C LEU A 103 5.53 14.40 -28.45
N ILE A 104 5.38 13.27 -29.13
CA ILE A 104 5.15 12.03 -28.42
C ILE A 104 6.42 11.19 -28.22
N THR A 105 7.52 11.59 -28.86
CA THR A 105 8.78 10.89 -28.73
C THR A 105 9.78 11.62 -27.81
N ASN A 106 9.85 12.95 -27.92
CA ASN A 106 10.85 13.70 -27.17
C ASN A 106 10.71 13.52 -25.68
N ALA A 107 11.78 13.78 -24.95
CA ALA A 107 11.74 13.73 -23.51
C ALA A 107 11.28 15.08 -22.99
N SER A 108 10.76 15.09 -21.77
CA SER A 108 10.49 16.32 -21.07
C SER A 108 11.77 16.95 -20.57
N ASN A 109 11.76 18.26 -20.40
CA ASN A 109 12.87 18.87 -19.70
C ASN A 109 12.42 19.75 -18.55
N LYS A 110 11.27 19.43 -17.97
CA LYS A 110 10.84 20.12 -16.76
C LYS A 110 10.54 19.09 -15.67
N ALA A 111 11.00 19.35 -14.45
CA ALA A 111 10.84 18.41 -13.35
C ALA A 111 9.49 18.62 -12.73
N SER A 112 8.95 17.60 -12.07
CA SER A 112 7.73 17.75 -11.29
C SER A 112 7.91 18.68 -10.10
N GLY A 113 6.80 19.23 -9.60
CA GLY A 113 6.83 19.99 -8.36
C GLY A 113 7.23 19.05 -7.24
N PRO A 114 7.65 19.59 -6.10
CA PRO A 114 8.15 18.80 -4.99
C PRO A 114 7.07 17.89 -4.37
N ILE A 115 7.47 16.69 -3.95
CA ILE A 115 6.52 15.68 -3.46
C ILE A 115 5.66 16.17 -2.27
N LEU A 116 4.52 15.52 -2.09
CA LEU A 116 3.72 15.75 -0.90
C LEU A 116 4.12 14.72 0.15
N ARG A 117 4.00 15.10 1.41
CA ARG A 117 4.19 14.17 2.48
C ARG A 117 2.88 14.09 3.23
N PRO A 118 1.97 13.20 2.80
CA PRO A 118 0.63 13.10 3.36
C PRO A 118 0.65 12.87 4.88
N ASP A 119 -0.37 13.35 5.58
CA ASP A 119 -0.44 13.12 7.03
C ASP A 119 -0.42 11.63 7.36
N ARG A 120 0.36 11.27 8.37
CA ARG A 120 0.40 9.89 8.83
C ARG A 120 -0.99 9.57 9.32
N PRO A 121 -1.58 8.45 8.86
CA PRO A 121 -2.88 8.07 9.38
C PRO A 121 -2.88 8.15 10.89
N GLN A 122 -3.95 8.68 11.45
CA GLN A 122 -4.02 8.97 12.88
C GLN A 122 -4.03 7.75 13.80
N LYS A 123 -4.71 6.68 13.37
CA LYS A 123 -4.85 5.47 14.19
C LYS A 123 -4.32 4.21 13.51
N PRO A 124 -3.85 3.20 14.29
CA PRO A 124 -3.71 1.88 13.71
C PRO A 124 -5.03 1.48 13.10
N PHE A 125 -4.96 0.83 11.96
CA PHE A 125 -6.16 0.35 11.27
C PHE A 125 -6.95 1.38 10.48
N ASP A 126 -6.59 2.67 10.55
CA ASP A 126 -7.17 3.65 9.62
C ASP A 126 -6.86 3.27 8.17
N LYS A 127 -5.58 3.01 7.86
CA LYS A 127 -5.21 2.75 6.47
C LYS A 127 -4.20 1.64 6.34
N PHE A 128 -4.52 0.65 5.51
CA PHE A 128 -3.52 -0.33 5.16
C PHE A 128 -2.95 -0.02 3.79
N PHE A 129 -1.62 -0.13 3.67
CA PHE A 129 -0.99 -0.16 2.34
C PHE A 129 -0.60 -1.60 2.01
N ILE A 130 -0.93 -2.04 0.81
CA ILE A 130 -0.61 -3.41 0.40
C ILE A 130 -0.01 -3.52 -1.00
N ASP A 131 0.75 -4.58 -1.21
CA ASP A 131 1.48 -4.78 -2.43
C ASP A 131 2.03 -6.21 -2.47
N TYR A 132 2.35 -6.67 -3.69
CA TYR A 132 3.09 -7.90 -3.87
C TYR A 132 4.53 -7.64 -4.17
N ILE A 133 5.36 -8.56 -3.69
CA ILE A 133 6.73 -8.70 -4.05
C ILE A 133 6.80 -10.01 -4.80
N GLY A 134 7.60 -10.05 -5.87
CA GLY A 134 7.91 -11.29 -6.59
C GLY A 134 7.75 -11.14 -8.08
N PRO A 135 7.95 -12.22 -8.84
CA PRO A 135 8.30 -13.58 -8.40
C PRO A 135 9.67 -13.68 -7.73
N LEU A 136 9.69 -14.39 -6.62
CA LEU A 136 10.92 -14.77 -5.97
C LEU A 136 11.29 -16.20 -6.43
N PRO A 137 12.52 -16.67 -6.11
CA PRO A 137 12.78 -18.08 -6.42
C PRO A 137 11.73 -18.93 -5.74
N PRO A 138 11.33 -20.06 -6.34
CA PRO A 138 10.37 -20.94 -5.65
C PRO A 138 10.88 -21.33 -4.27
N SER A 139 9.98 -21.32 -3.29
CA SER A 139 10.23 -21.90 -1.97
C SER A 139 8.95 -22.59 -1.56
N GLN A 140 9.03 -23.89 -1.26
CA GLN A 140 7.85 -24.72 -0.97
C GLN A 140 6.77 -24.51 -2.03
N GLY A 141 7.18 -24.17 -3.24
CA GLY A 141 6.21 -23.91 -4.31
C GLY A 141 5.47 -22.59 -4.16
N TYR A 142 6.03 -21.69 -3.37
CA TYR A 142 5.50 -20.34 -3.27
C TYR A 142 6.41 -19.40 -4.03
N LEU A 143 5.81 -18.36 -4.59
CA LEU A 143 6.54 -17.49 -5.49
C LEU A 143 6.46 -16.01 -5.14
N TYR A 144 5.45 -15.64 -4.36
CA TYR A 144 5.19 -14.22 -4.11
C TYR A 144 4.96 -13.96 -2.62
N VAL A 145 5.01 -12.68 -2.24
CA VAL A 145 4.66 -12.30 -0.89
C VAL A 145 3.64 -11.18 -0.89
N LEU A 146 2.53 -11.36 -0.19
CA LEU A 146 1.62 -10.25 0.06
C LEU A 146 2.16 -9.47 1.26
N VAL A 147 2.37 -8.18 1.07
CA VAL A 147 2.86 -7.35 2.16
C VAL A 147 1.78 -6.36 2.56
N VAL A 148 1.50 -6.32 3.86
CA VAL A 148 0.49 -5.43 4.40
C VAL A 148 1.10 -4.57 5.50
N VAL A 149 1.01 -3.27 5.31
CA VAL A 149 1.63 -2.33 6.20
C VAL A 149 0.58 -1.37 6.75
N ASP A 150 0.47 -1.30 8.07
CA ASP A 150 -0.46 -0.36 8.67
C ASP A 150 0.17 1.01 8.61
N GLY A 151 -0.58 1.98 8.10
CA GLY A 151 -0.05 3.30 7.79
C GLY A 151 0.44 4.05 9.01
N MET A 152 -0.23 3.85 10.13
CA MET A 152 0.08 4.64 11.31
C MET A 152 1.31 4.07 12.00
N THR A 153 1.35 2.75 12.14
CA THR A 153 2.39 2.13 12.94
C THR A 153 3.57 1.63 12.10
N GLY A 154 3.31 1.27 10.84
CA GLY A 154 4.31 0.55 10.06
C GLY A 154 4.38 -0.94 10.41
N PHE A 155 3.53 -1.39 11.33
CA PHE A 155 3.40 -2.80 11.60
C PHE A 155 3.04 -3.54 10.31
N THR A 156 3.59 -4.73 10.14
CA THR A 156 3.57 -5.40 8.84
C THR A 156 3.16 -6.85 8.96
N TRP A 157 2.39 -7.30 7.97
CA TRP A 157 2.00 -8.70 7.89
C TRP A 157 2.50 -9.26 6.58
N LEU A 158 3.08 -10.46 6.63
CA LEU A 158 3.63 -11.10 5.44
C LEU A 158 2.91 -12.39 5.15
N TYR A 159 2.52 -12.56 3.88
CA TYR A 159 1.84 -13.77 3.43
C TYR A 159 2.44 -14.27 2.12
N PRO A 160 2.95 -15.52 2.12
CA PRO A 160 3.47 -16.20 0.92
C PRO A 160 2.30 -16.64 0.06
N THR A 161 2.38 -16.39 -1.24
CA THR A 161 1.34 -16.83 -2.15
C THR A 161 1.99 -17.45 -3.37
N LYS A 162 1.21 -18.29 -4.07
CA LYS A 162 1.68 -18.96 -5.27
C LYS A 162 1.54 -18.05 -6.46
N ALA A 163 0.77 -16.97 -6.30
CA ALA A 163 0.44 -16.07 -7.41
C ALA A 163 -0.08 -14.72 -6.85
N PRO A 164 0.16 -13.59 -7.56
CA PRO A 164 -0.36 -12.33 -7.04
C PRO A 164 -1.84 -12.16 -7.39
N SER A 165 -2.65 -13.08 -6.88
CA SER A 165 -4.06 -13.23 -7.28
C SER A 165 -5.08 -12.68 -6.27
N THR A 166 -6.29 -12.39 -6.74
CA THR A 166 -7.36 -11.96 -5.83
C THR A 166 -7.68 -13.05 -4.82
N SER A 167 -7.80 -14.29 -5.29
CA SER A 167 -8.15 -15.32 -4.36
C SER A 167 -7.10 -15.52 -3.27
N ALA A 168 -5.83 -15.34 -3.60
CA ALA A 168 -4.79 -15.48 -2.58
C ALA A 168 -4.82 -14.29 -1.63
N THR A 169 -5.10 -13.11 -2.19
CA THR A 169 -5.21 -11.90 -1.40
C THR A 169 -6.36 -12.02 -0.44
N VAL A 170 -7.47 -12.55 -0.92
CA VAL A 170 -8.66 -12.71 -0.10
C VAL A 170 -8.42 -13.71 1.04
N LYS A 171 -7.81 -14.85 0.74
CA LYS A 171 -7.47 -15.81 1.78
C LYS A 171 -6.60 -15.15 2.84
N SER A 172 -5.60 -14.41 2.41
CA SER A 172 -4.67 -13.76 3.33
C SER A 172 -5.35 -12.71 4.20
N LEU A 173 -6.12 -11.82 3.59
CA LEU A 173 -6.72 -10.73 4.36
C LEU A 173 -7.81 -11.22 5.33
N ASN A 174 -8.46 -12.33 4.99
CA ASN A 174 -9.37 -12.96 5.92
C ASN A 174 -8.66 -13.35 7.18
N VAL A 175 -7.42 -13.80 7.08
CA VAL A 175 -6.68 -14.19 8.29
C VAL A 175 -6.28 -12.94 9.08
N LEU A 176 -5.86 -11.91 8.36
CA LEU A 176 -5.40 -10.70 9.01
C LEU A 176 -6.56 -9.97 9.66
N THR A 177 -7.70 -9.93 8.96
CA THR A 177 -8.84 -9.10 9.40
C THR A 177 -9.57 -9.68 10.56
N SER A 178 -9.30 -10.96 10.84
CA SER A 178 -9.64 -11.56 12.12
C SER A 178 -9.19 -10.72 13.31
N ILE A 179 -8.08 -10.01 13.18
CA ILE A 179 -7.55 -9.27 14.30
C ILE A 179 -8.31 -7.95 14.41
N ALA A 180 -8.51 -7.30 13.27
CA ALA A 180 -9.16 -6.00 13.20
C ALA A 180 -9.56 -5.71 11.76
N ILE A 181 -10.52 -4.82 11.57
CA ILE A 181 -10.88 -4.41 10.23
C ILE A 181 -10.39 -2.99 9.99
N PRO A 182 -9.74 -2.72 8.86
CA PRO A 182 -9.20 -1.40 8.63
C PRO A 182 -10.25 -0.53 7.95
N LYS A 183 -10.20 0.79 8.09
CA LYS A 183 -11.17 1.64 7.37
C LYS A 183 -10.93 1.57 5.86
N VAL A 184 -9.68 1.83 5.49
CA VAL A 184 -9.24 1.91 4.10
C VAL A 184 -8.07 0.96 3.86
N ILE A 185 -8.06 0.32 2.70
CA ILE A 185 -6.91 -0.36 2.16
C ILE A 185 -6.44 0.36 0.88
N HIS A 186 -5.17 0.74 0.84
CA HIS A 186 -4.60 1.38 -0.32
C HIS A 186 -3.72 0.42 -1.09
N SER A 187 -3.93 0.35 -2.40
CA SER A 187 -3.07 -0.47 -3.24
C SER A 187 -2.74 0.21 -4.56
N ASP A 188 -1.78 -0.34 -5.29
CA ASP A 188 -1.55 0.04 -6.67
C ASP A 188 -2.62 -0.67 -7.49
N GLN A 189 -2.55 -0.58 -8.81
CA GLN A 189 -3.64 -1.09 -9.63
C GLN A 189 -3.34 -2.45 -10.20
N GLY A 190 -2.60 -3.27 -9.45
CA GLY A 190 -2.34 -4.66 -9.87
C GLY A 190 -3.65 -5.40 -10.07
N ALA A 191 -3.66 -6.34 -11.03
CA ALA A 191 -4.85 -7.16 -11.28
C ALA A 191 -5.55 -7.63 -10.00
N ALA A 192 -4.77 -8.15 -9.04
CA ALA A 192 -5.33 -8.70 -7.78
C ALA A 192 -6.24 -7.74 -7.05
N PHE A 193 -5.97 -6.45 -7.14
CA PHE A 193 -6.62 -5.47 -6.29
C PHE A 193 -7.78 -4.76 -6.99
N THR A 194 -7.82 -4.86 -8.31
CA THR A 194 -8.77 -4.09 -9.11
C THR A 194 -9.90 -4.96 -9.60
N SER A 195 -9.77 -6.27 -9.41
CA SER A 195 -10.82 -7.24 -9.73
C SER A 195 -12.06 -6.86 -8.94
N SER A 196 -13.22 -7.17 -9.50
CA SER A 196 -14.49 -6.84 -8.84
C SER A 196 -14.73 -7.81 -7.67
N THR A 197 -14.16 -9.03 -7.75
CA THR A 197 -14.18 -9.96 -6.60
C THR A 197 -13.55 -9.30 -5.38
N PHE A 198 -12.47 -8.59 -5.59
CA PHE A 198 -11.84 -7.93 -4.49
C PHE A 198 -12.73 -6.81 -4.00
N ALA A 199 -13.43 -6.14 -4.92
CA ALA A 199 -14.26 -4.98 -4.53
C ALA A 199 -15.45 -5.42 -3.67
N GLU A 200 -16.06 -6.55 -4.04
CA GLU A 200 -17.14 -7.15 -3.28
C GLU A 200 -16.62 -7.42 -1.89
N TRP A 201 -15.49 -8.12 -1.82
CA TRP A 201 -14.92 -8.55 -0.55
C TRP A 201 -14.71 -7.37 0.40
N ALA A 202 -14.34 -6.23 -0.16
CA ALA A 202 -14.07 -5.05 0.64
C ALA A 202 -15.36 -4.42 1.12
N LYS A 203 -16.33 -4.35 0.21
CA LYS A 203 -17.63 -3.72 0.46
C LYS A 203 -18.39 -4.50 1.51
N GLU A 204 -18.37 -5.82 1.37
CA GLU A 204 -18.88 -6.73 2.36
C GLU A 204 -18.46 -6.34 3.77
N ARG A 205 -17.27 -5.78 3.93
CA ARG A 205 -16.71 -5.58 5.27
C ARG A 205 -16.63 -4.12 5.61
N GLY A 206 -17.19 -3.30 4.73
CA GLY A 206 -17.21 -1.86 4.93
C GLY A 206 -15.84 -1.24 4.81
N ILE A 207 -14.91 -1.96 4.17
CA ILE A 207 -13.57 -1.44 3.92
C ILE A 207 -13.62 -0.60 2.63
N HIS A 208 -13.06 0.62 2.67
CA HIS A 208 -12.94 1.45 1.46
C HIS A 208 -11.63 1.14 0.71
N LEU A 209 -11.72 0.89 -0.60
CA LEU A 209 -10.52 0.66 -1.40
C LEU A 209 -10.06 1.95 -2.01
N GLU A 210 -8.77 2.22 -1.91
CA GLU A 210 -8.17 3.46 -2.41
C GLU A 210 -6.99 3.07 -3.27
N PHE A 211 -6.95 3.58 -4.51
CA PHE A 211 -5.95 3.13 -5.48
C PHE A 211 -4.95 4.18 -5.83
N SER A 212 -3.70 3.76 -5.98
CA SER A 212 -2.63 4.66 -6.40
C SER A 212 -2.91 5.06 -7.84
N THR A 213 -2.46 6.24 -8.23
CA THR A 213 -2.37 6.54 -9.65
C THR A 213 -1.49 5.47 -10.31
N PRO A 214 -1.78 5.11 -11.57
CA PRO A 214 -1.12 3.95 -12.16
C PRO A 214 0.38 4.16 -12.33
N TYR A 215 1.13 3.06 -12.20
CA TYR A 215 2.58 3.06 -12.41
C TYR A 215 3.29 4.20 -11.68
N HIS A 216 3.04 4.29 -10.37
CA HIS A 216 3.61 5.33 -9.53
C HIS A 216 3.68 4.82 -8.11
N PRO A 217 4.57 3.85 -7.89
CA PRO A 217 4.63 3.14 -6.63
C PRO A 217 5.05 4.00 -5.44
N GLN A 218 5.60 5.19 -5.69
CA GLN A 218 5.78 6.19 -4.64
C GLN A 218 4.50 6.38 -3.83
N SER A 219 3.38 6.33 -4.54
CA SER A 219 2.08 6.53 -3.95
C SER A 219 1.79 5.46 -2.89
N SER A 220 2.25 4.22 -3.15
CA SER A 220 2.20 3.17 -2.12
C SER A 220 3.49 3.13 -1.29
N GLY A 221 4.13 4.29 -1.15
CA GLY A 221 5.48 4.35 -0.58
C GLY A 221 5.72 3.69 0.78
N LYS A 222 4.70 3.70 1.65
CA LYS A 222 4.75 3.03 2.94
C LYS A 222 5.07 1.53 2.77
N VAL A 223 4.32 0.85 1.91
CA VAL A 223 4.53 -0.58 1.78
C VAL A 223 5.74 -0.86 0.90
N GLU A 224 5.96 0.01 -0.09
CA GLU A 224 7.09 -0.21 -0.99
C GLU A 224 8.38 -0.20 -0.18
N ARG A 225 8.51 0.83 0.66
CA ARG A 225 9.69 1.02 1.47
C ARG A 225 9.94 -0.17 2.39
N LYS A 226 8.85 -0.77 2.84
CA LYS A 226 8.91 -1.91 3.72
C LYS A 226 9.37 -3.14 2.91
N ASN A 227 8.91 -3.26 1.65
CA ASN A 227 9.39 -4.32 0.78
C ASN A 227 10.92 -4.38 0.78
N SER A 228 11.53 -3.22 0.55
CA SER A 228 12.97 -3.10 0.57
C SER A 228 13.53 -3.75 1.84
N ASP A 229 13.14 -3.26 3.01
CA ASP A 229 13.56 -3.88 4.26
C ASP A 229 13.37 -5.40 4.30
N ILE A 230 12.25 -5.88 3.76
CA ILE A 230 11.92 -7.29 3.81
C ILE A 230 12.95 -8.07 3.01
N LYS A 231 13.12 -7.69 1.74
CA LYS A 231 14.13 -8.29 0.88
C LYS A 231 15.54 -8.16 1.45
N ARG A 232 15.85 -7.01 2.04
CA ARG A 232 17.17 -6.81 2.61
C ARG A 232 17.46 -7.86 3.70
N LEU A 233 16.49 -8.07 4.60
CA LEU A 233 16.69 -8.97 5.72
C LEU A 233 16.76 -10.37 5.20
N LEU A 234 15.83 -10.73 4.31
CA LEU A 234 15.85 -12.05 3.72
C LEU A 234 17.23 -12.31 3.11
N THR A 235 17.72 -11.33 2.35
CA THR A 235 19.02 -11.46 1.73
C THR A 235 20.07 -11.83 2.79
N LYS A 236 20.20 -11.00 3.83
CA LYS A 236 21.24 -11.21 4.84
C LYS A 236 21.14 -12.59 5.44
N LEU A 237 19.92 -13.05 5.70
CA LEU A 237 19.71 -14.34 6.34
C LEU A 237 20.07 -15.52 5.47
N LEU A 238 20.00 -15.33 4.16
CA LEU A 238 20.17 -16.41 3.21
C LEU A 238 21.59 -16.49 2.61
N VAL A 239 22.47 -15.57 3.01
CA VAL A 239 23.86 -15.52 2.52
C VAL A 239 24.53 -16.87 2.69
N GLY A 240 25.01 -17.42 1.59
CA GLY A 240 25.69 -18.72 1.61
C GLY A 240 24.78 -19.93 1.75
N ARG A 241 23.46 -19.72 1.79
CA ARG A 241 22.53 -20.83 1.79
C ARG A 241 21.70 -20.75 0.53
N PRO A 242 21.01 -21.86 0.18
CA PRO A 242 20.03 -21.75 -0.90
C PRO A 242 18.86 -20.88 -0.47
N THR A 243 18.15 -20.31 -1.44
CA THR A 243 17.16 -19.28 -1.14
C THR A 243 15.81 -19.85 -0.67
N LYS A 244 15.81 -20.53 0.47
CA LYS A 244 14.59 -21.11 1.04
C LYS A 244 13.95 -20.08 1.98
N TRP A 245 13.16 -19.16 1.43
CA TRP A 245 12.63 -18.00 2.16
C TRP A 245 11.28 -18.22 2.86
N TYR A 246 10.49 -19.16 2.36
CA TYR A 246 9.18 -19.44 2.92
C TYR A 246 9.21 -19.55 4.46
N ASP A 247 10.04 -20.45 4.97
CA ASP A 247 10.21 -20.61 6.41
C ASP A 247 10.73 -19.37 7.13
N LEU A 248 11.25 -18.40 6.39
CA LEU A 248 11.79 -17.23 7.05
C LEU A 248 10.77 -16.09 7.22
N LEU A 249 9.72 -16.09 6.41
CA LEU A 249 8.77 -14.99 6.47
C LEU A 249 8.32 -14.62 7.88
N PRO A 250 7.88 -15.60 8.70
CA PRO A 250 7.50 -15.31 10.08
C PRO A 250 8.63 -14.61 10.84
N VAL A 251 9.84 -15.15 10.77
CA VAL A 251 11.00 -14.54 11.42
C VAL A 251 11.23 -13.10 10.98
N VAL A 252 11.11 -12.84 9.68
CA VAL A 252 11.31 -11.50 9.16
C VAL A 252 10.23 -10.53 9.70
N GLN A 253 8.96 -10.91 9.51
CA GLN A 253 7.80 -10.22 10.09
C GLN A 253 8.08 -9.75 11.52
N LEU A 254 8.37 -10.70 12.40
CA LEU A 254 8.61 -10.39 13.80
C LEU A 254 9.82 -9.48 13.97
N ALA A 255 10.90 -9.81 13.26
CA ALA A 255 12.14 -9.03 13.36
C ALA A 255 11.90 -7.56 12.99
N LEU A 256 11.21 -7.32 11.87
CA LEU A 256 11.00 -5.96 11.38
C LEU A 256 10.05 -5.16 12.25
N ASN A 257 8.93 -5.79 12.63
CA ASN A 257 7.92 -5.17 13.51
C ASN A 257 8.49 -4.81 14.86
N ASN A 258 9.63 -5.36 15.23
CA ASN A 258 10.21 -5.07 16.52
C ASN A 258 11.52 -4.29 16.44
N THR A 259 11.81 -3.75 15.25
CA THR A 259 12.99 -2.93 14.97
C THR A 259 12.70 -1.43 15.10
N TYR A 260 13.63 -0.70 15.70
CA TYR A 260 13.45 0.71 15.97
C TYR A 260 13.63 1.54 14.72
N SER A 261 12.83 2.60 14.58
CA SER A 261 13.09 3.57 13.55
C SER A 261 13.80 4.70 14.25
N PRO A 262 15.11 4.88 13.99
CA PRO A 262 15.88 5.88 14.72
C PRO A 262 15.28 7.30 14.71
N VAL A 263 14.51 7.66 13.69
CA VAL A 263 13.88 8.98 13.70
C VAL A 263 12.68 9.06 14.65
N LEU A 264 11.99 7.95 14.83
CA LEU A 264 10.80 7.95 15.65
C LEU A 264 11.16 7.60 17.08
N LYS A 265 12.14 6.71 17.23
CA LYS A 265 12.51 6.13 18.54
C LYS A 265 11.52 5.08 19.03
N TYR A 266 10.76 4.53 18.08
CA TYR A 266 9.80 3.49 18.41
C TYR A 266 9.83 2.34 17.43
N THR A 267 9.37 1.18 17.87
CA THR A 267 9.20 0.07 16.95
C THR A 267 7.75 0.00 16.48
N PRO A 268 7.49 -0.58 15.30
CA PRO A 268 6.11 -0.66 14.86
C PRO A 268 5.17 -1.33 15.88
N HIS A 269 5.65 -2.39 16.51
CA HIS A 269 4.95 -3.09 17.57
C HIS A 269 4.63 -2.13 18.74
N GLN A 270 5.59 -1.31 19.13
CA GLN A 270 5.35 -0.34 20.20
C GLN A 270 4.28 0.66 19.83
N LEU A 271 4.28 1.10 18.57
CA LEU A 271 3.27 2.04 18.14
C LEU A 271 1.92 1.34 18.08
N LEU A 272 1.93 0.03 17.88
CA LEU A 272 0.67 -0.67 17.79
C LEU A 272 0.09 -1.03 19.15
N PHE A 273 0.95 -1.40 20.09
CA PHE A 273 0.48 -2.01 21.32
C PHE A 273 0.83 -1.19 22.53
N GLY A 274 1.81 -0.29 22.39
CA GLY A 274 2.22 0.54 23.51
C GLY A 274 3.04 -0.21 24.53
N ILE A 275 3.32 -1.48 24.27
CA ILE A 275 4.19 -2.26 25.14
C ILE A 275 4.84 -3.40 24.35
N ASP A 276 6.13 -3.64 24.59
CA ASP A 276 6.82 -4.76 23.97
C ASP A 276 6.28 -6.08 24.47
N SER A 277 6.17 -7.06 23.60
CA SER A 277 5.85 -8.40 24.07
C SER A 277 7.13 -9.03 24.52
N ASN A 278 7.14 -10.34 24.72
CA ASN A 278 8.30 -11.08 25.21
C ASN A 278 9.26 -11.40 24.06
N THR A 279 9.93 -10.36 23.58
CA THR A 279 10.96 -10.52 22.57
C THR A 279 12.27 -9.96 23.13
N PRO A 280 13.41 -10.35 22.53
CA PRO A 280 14.70 -9.95 23.10
C PRO A 280 14.85 -8.43 23.31
N PHE A 281 15.53 -8.02 24.37
CA PHE A 281 15.72 -6.59 24.68
C PHE A 281 14.42 -5.80 24.76
N ALA A 282 13.34 -6.44 25.25
CA ALA A 282 12.05 -5.77 25.47
C ALA A 282 12.21 -4.52 26.35
N ASN A 283 11.61 -3.42 25.94
CA ASN A 283 11.67 -2.18 26.71
C ASN A 283 10.81 -2.25 27.96
N GLN A 284 11.40 -1.87 29.10
CA GLN A 284 10.75 -2.06 30.40
C GLN A 284 10.29 -0.77 31.08
N ASP A 285 10.37 0.34 30.36
CA ASP A 285 10.08 1.65 30.93
C ASP A 285 8.70 1.86 31.52
N THR A 286 7.69 1.07 31.15
CA THR A 286 6.34 1.36 31.65
C THR A 286 5.84 0.33 32.62
N LEU A 287 6.78 -0.41 33.18
CA LEU A 287 6.51 -1.54 34.05
C LEU A 287 5.63 -1.18 35.25
N ASP A 288 5.81 0.05 35.75
CA ASP A 288 5.08 0.57 36.91
C ASP A 288 3.79 1.31 36.60
N LEU A 289 3.56 1.64 35.33
CA LEU A 289 2.28 2.26 34.93
C LEU A 289 1.23 1.18 34.82
N THR A 290 -0.02 1.55 35.04
CA THR A 290 -1.11 0.65 34.75
C THR A 290 -1.31 0.63 33.23
N ARG A 291 -2.02 -0.38 32.75
CA ARG A 291 -2.32 -0.47 31.35
C ARG A 291 -2.99 0.81 30.87
N GLU A 292 -3.86 1.35 31.71
CA GLU A 292 -4.59 2.59 31.42
C GLU A 292 -3.64 3.78 31.35
N GLU A 293 -2.70 3.88 32.30
CA GLU A 293 -1.69 4.94 32.19
C GLU A 293 -0.80 4.75 30.94
N GLU A 294 -0.53 3.48 30.61
CA GLU A 294 0.26 3.11 29.45
C GLU A 294 -0.43 3.49 28.13
N LEU A 295 -1.73 3.22 27.99
CA LEU A 295 -2.48 3.57 26.77
C LEU A 295 -2.66 5.07 26.63
N SER A 296 -2.41 5.77 27.72
CA SER A 296 -2.53 7.20 27.79
C SER A 296 -1.24 7.80 27.21
N LEU A 297 -0.10 7.37 27.73
CA LEU A 297 1.18 7.77 27.17
C LEU A 297 1.25 7.38 25.69
N LEU A 298 0.72 6.22 25.32
CA LEU A 298 0.70 5.80 23.93
C LEU A 298 -0.01 6.79 22.99
N GLN A 299 -1.25 7.16 23.31
CA GLN A 299 -1.99 8.17 22.53
C GLN A 299 -1.19 9.43 22.34
N GLU A 300 -0.46 9.80 23.39
CA GLU A 300 0.39 10.98 23.36
C GLU A 300 1.56 10.78 22.39
N ILE A 301 2.25 9.65 22.49
CA ILE A 301 3.33 9.31 21.59
C ILE A 301 2.83 9.35 20.14
N ARG A 302 1.65 8.80 19.91
CA ARG A 302 1.13 8.63 18.56
C ARG A 302 0.91 9.96 17.85
N THR A 303 0.50 10.97 18.61
CA THR A 303 0.19 12.26 18.01
C THR A 303 1.42 13.13 17.85
N SER A 304 2.48 12.84 18.58
CA SER A 304 3.66 13.69 18.52
C SER A 304 4.83 13.14 17.68
N LEU A 305 4.57 12.16 16.81
CA LEU A 305 5.63 11.59 15.97
C LEU A 305 6.06 12.59 14.93
N TYR A 306 7.37 12.63 14.67
CA TYR A 306 7.96 13.47 13.62
C TYR A 306 7.23 13.33 12.31
N HIS A 307 6.92 14.46 11.70
CA HIS A 307 6.36 14.44 10.35
C HIS A 307 7.16 15.30 9.37
N PRO A 308 7.70 14.69 8.30
CA PRO A 308 8.53 15.38 7.32
C PRO A 308 7.72 16.40 6.54
N SER A 309 8.36 17.43 6.02
CA SER A 309 7.60 18.37 5.19
C SER A 309 8.12 18.41 3.74
N THR A 310 7.22 18.77 2.82
CA THR A 310 7.52 18.91 1.40
C THR A 310 8.83 19.68 1.16
N PRO A 311 9.78 19.08 0.40
CA PRO A 311 11.12 19.65 0.12
C PRO A 311 11.08 20.80 -0.89
N PRO A 312 12.21 21.53 -1.06
CA PRO A 312 12.16 22.66 -2.02
C PRO A 312 11.94 22.21 -3.48
N ALA A 313 11.20 23.03 -4.24
CA ALA A 313 10.97 22.79 -5.68
C ALA A 313 12.30 22.82 -6.42
N SER A 314 12.44 22.06 -7.50
CA SER A 314 13.63 22.24 -8.31
C SER A 314 13.44 23.52 -9.14
N SER A 315 14.54 24.12 -9.58
CA SER A 315 14.44 25.43 -10.28
C SER A 315 13.69 25.35 -11.60
N ARG A 316 13.35 24.14 -12.04
CA ARG A 316 12.70 24.00 -13.33
C ARG A 316 11.53 23.04 -13.30
N SER A 317 10.81 23.07 -12.19
CA SER A 317 9.62 22.27 -12.01
C SER A 317 8.46 22.93 -12.74
N TRP A 318 7.43 22.16 -13.04
CA TRP A 318 6.27 22.71 -13.71
C TRP A 318 5.06 22.31 -12.88
N SER A 319 4.05 23.18 -12.87
CA SER A 319 2.83 22.79 -12.18
C SER A 319 1.59 22.82 -13.04
N PRO A 320 0.74 21.80 -12.87
CA PRO A 320 -0.42 21.58 -13.72
C PRO A 320 -1.48 22.66 -13.50
N VAL A 321 -2.09 23.09 -14.61
CA VAL A 321 -3.14 24.10 -14.58
C VAL A 321 -4.36 23.56 -15.34
N VAL A 322 -5.58 23.83 -14.85
CA VAL A 322 -6.77 23.36 -15.57
C VAL A 322 -6.84 23.80 -17.06
N GLY A 323 -7.18 22.86 -17.95
CA GLY A 323 -7.25 23.14 -19.40
C GLY A 323 -5.94 23.06 -20.18
N GLN A 324 -4.82 22.83 -19.49
CA GLN A 324 -3.48 22.68 -20.08
C GLN A 324 -3.30 21.37 -20.84
N LEU A 325 -2.57 21.43 -21.96
CA LEU A 325 -2.21 20.22 -22.69
C LEU A 325 -1.06 19.54 -21.99
N VAL A 326 -1.22 18.25 -21.72
CA VAL A 326 -0.23 17.47 -21.00
C VAL A 326 -0.23 16.14 -21.70
N GLN A 327 0.80 15.33 -21.48
CA GLN A 327 0.82 14.02 -22.10
C GLN A 327 1.19 12.99 -21.08
N GLU A 328 0.53 11.84 -21.15
CA GLU A 328 0.76 10.76 -20.20
C GLU A 328 1.89 9.89 -20.70
N ARG A 329 2.75 9.48 -19.79
CA ARG A 329 3.83 8.59 -20.13
C ARG A 329 3.27 7.23 -20.52
N VAL A 330 3.79 6.64 -21.59
CA VAL A 330 3.41 5.29 -21.98
C VAL A 330 4.04 4.32 -20.97
N ALA A 331 3.30 3.31 -20.56
CA ALA A 331 3.69 2.52 -19.40
C ALA A 331 4.73 1.46 -19.75
N ARG A 332 4.41 0.61 -20.70
CA ARG A 332 5.34 -0.43 -21.04
C ARG A 332 5.58 -0.27 -22.54
N PRO A 333 6.37 0.78 -22.91
CA PRO A 333 6.52 1.10 -24.32
C PRO A 333 7.32 0.03 -25.00
N ALA A 334 6.84 -0.39 -26.17
CA ALA A 334 7.53 -1.36 -27.00
C ALA A 334 8.80 -0.76 -27.61
N SER A 335 9.68 -1.64 -28.08
CA SER A 335 10.90 -1.19 -28.71
C SER A 335 10.65 -0.24 -29.89
N LEU A 336 11.44 0.82 -29.95
CA LEU A 336 11.28 1.83 -30.99
C LEU A 336 9.88 2.47 -31.08
N ARG A 337 9.14 2.53 -29.96
CA ARG A 337 7.84 3.18 -29.98
C ARG A 337 7.84 4.41 -29.07
N PRO A 338 7.03 5.43 -29.36
CA PRO A 338 7.10 6.64 -28.52
C PRO A 338 6.89 6.37 -27.02
N ARG A 339 7.52 7.18 -26.18
CA ARG A 339 7.41 7.00 -24.74
C ARG A 339 6.23 7.79 -24.18
N TRP A 340 5.63 8.64 -25.02
CA TRP A 340 4.50 9.46 -24.57
C TRP A 340 3.24 9.28 -25.41
N HIS A 341 2.09 9.20 -24.74
CA HIS A 341 0.77 9.23 -25.37
C HIS A 341 0.51 10.58 -26.01
N LYS A 342 -0.52 10.66 -26.86
CA LYS A 342 -0.94 11.91 -27.50
C LYS A 342 -1.36 12.97 -26.48
N PRO A 343 -1.30 14.25 -26.84
CA PRO A 343 -1.63 15.28 -25.84
C PRO A 343 -3.05 15.19 -25.33
N SER A 344 -3.25 15.55 -24.07
CA SER A 344 -4.57 15.50 -23.47
C SER A 344 -4.81 16.71 -22.54
N THR A 345 -6.00 16.83 -21.97
CA THR A 345 -6.36 18.06 -21.26
C THR A 345 -6.59 17.81 -19.77
N VAL A 346 -6.00 18.69 -18.96
CA VAL A 346 -6.19 18.69 -17.52
C VAL A 346 -7.61 19.13 -17.21
N LEU A 347 -8.45 18.21 -16.75
CA LEU A 347 -9.80 18.52 -16.26
C LEU A 347 -9.79 19.15 -14.86
N LYS A 348 -9.34 18.39 -13.87
CA LYS A 348 -9.24 18.89 -12.51
C LYS A 348 -7.83 18.69 -11.96
N VAL A 349 -7.40 19.63 -11.12
CA VAL A 349 -6.17 19.52 -10.34
C VAL A 349 -6.50 19.11 -8.89
N LEU A 350 -6.61 17.80 -8.68
CA LEU A 350 -6.85 17.20 -7.37
C LEU A 350 -5.89 17.69 -6.28
N ASN A 351 -4.60 17.82 -6.61
CA ASN A 351 -3.62 18.50 -5.74
C ASN A 351 -2.38 18.84 -6.56
N PRO A 352 -1.39 19.51 -5.96
CA PRO A 352 -0.34 19.96 -6.86
C PRO A 352 0.40 18.81 -7.55
N ARG A 353 0.19 17.57 -7.10
CA ARG A 353 0.91 16.40 -7.65
C ARG A 353 0.03 15.35 -8.31
N THR A 354 -1.27 15.61 -8.44
CA THR A 354 -2.19 14.63 -9.01
C THR A 354 -3.21 15.33 -9.90
N VAL A 355 -3.53 14.77 -11.05
CA VAL A 355 -4.53 15.40 -11.92
C VAL A 355 -5.50 14.44 -12.58
N VAL A 356 -6.63 14.98 -13.05
CA VAL A 356 -7.54 14.20 -13.89
C VAL A 356 -7.45 14.77 -15.27
N ILE A 357 -7.25 13.89 -16.24
CA ILE A 357 -7.08 14.33 -17.61
C ILE A 357 -8.13 13.68 -18.50
N LEU A 358 -8.54 14.41 -19.54
CA LEU A 358 -9.36 13.86 -20.60
C LEU A 358 -8.46 13.53 -21.79
N ASP A 359 -8.54 12.30 -22.28
CA ASP A 359 -7.42 11.73 -23.03
C ASP A 359 -7.49 11.58 -24.56
N HIS A 360 -8.33 12.37 -25.24
CA HIS A 360 -8.56 12.23 -26.71
C HIS A 360 -9.51 11.07 -27.12
N LEU A 361 -9.74 10.10 -26.24
CA LEU A 361 -10.64 8.96 -26.54
C LEU A 361 -12.16 9.22 -26.33
N GLY A 362 -12.56 10.00 -25.31
CA GLY A 362 -11.71 10.57 -24.27
C GLY A 362 -12.20 10.09 -22.91
N ASN A 363 -11.35 9.37 -22.21
CA ASN A 363 -11.67 8.95 -20.86
C ASN A 363 -11.11 9.90 -19.83
N ASN A 364 -11.68 9.81 -18.62
CA ASN A 364 -11.13 10.48 -17.47
C ASN A 364 -10.08 9.57 -16.90
N ARG A 365 -8.90 10.11 -16.62
CA ARG A 365 -7.84 9.32 -16.02
C ARG A 365 -7.23 10.11 -14.89
N THR A 366 -7.13 9.49 -13.72
CA THR A 366 -6.47 10.12 -12.57
C THR A 366 -5.01 9.69 -12.53
N VAL A 367 -4.13 10.67 -12.53
CA VAL A 367 -2.78 10.41 -12.93
C VAL A 367 -1.79 11.23 -12.11
N SER A 368 -0.62 10.65 -11.85
CA SER A 368 0.49 11.35 -11.18
C SER A 368 1.16 12.34 -12.09
N ILE A 369 1.59 13.44 -11.52
CA ILE A 369 2.27 14.45 -12.32
C ILE A 369 3.61 13.90 -12.85
N ASP A 370 4.18 12.93 -12.10
CA ASP A 370 5.45 12.29 -12.45
C ASP A 370 5.28 11.50 -13.72
N ASN A 371 4.08 11.02 -13.98
CA ASN A 371 3.79 10.34 -15.24
C ASN A 371 3.26 11.25 -16.34
N LEU A 372 3.40 12.56 -16.14
CA LEU A 372 3.06 13.55 -17.16
C LEU A 372 4.20 14.45 -17.59
N LYS A 373 4.10 14.99 -18.81
CA LYS A 373 4.86 16.18 -19.19
C LYS A 373 3.93 17.23 -19.78
N PRO A 374 4.25 18.52 -19.59
CA PRO A 374 3.49 19.56 -20.26
C PRO A 374 3.90 19.60 -21.72
N THR A 375 2.92 19.49 -22.62
CA THR A 375 3.16 19.55 -24.05
C THR A 375 3.87 20.84 -24.45
N SER A 376 4.98 20.71 -25.15
CA SER A 376 5.83 21.86 -25.47
C SER A 376 5.26 22.74 -26.55
N HIS A 377 5.61 24.02 -26.51
CA HIS A 377 5.22 24.97 -27.56
C HIS A 377 3.70 25.14 -27.63
N GLN A 378 3.02 25.00 -26.49
CA GLN A 378 1.54 25.03 -26.39
C GLN A 378 0.80 24.16 -27.42
N ASP B 119 4.34 -5.55 43.69
CA ASP B 119 3.93 -6.23 42.43
C ASP B 119 3.54 -5.24 41.31
N ARG B 120 3.90 -5.57 40.07
CA ARG B 120 3.65 -4.70 38.93
C ARG B 120 2.29 -4.99 38.25
N PRO B 121 1.61 -3.95 37.74
CA PRO B 121 0.28 -4.13 37.14
C PRO B 121 0.26 -5.06 35.93
N GLN B 122 -0.86 -5.76 35.74
CA GLN B 122 -0.99 -6.78 34.71
C GLN B 122 -1.03 -6.19 33.30
N LYS B 123 -0.36 -6.84 32.35
CA LYS B 123 -0.18 -6.28 31.03
C LYS B 123 -0.51 -7.25 29.92
N PRO B 124 -0.83 -6.72 28.72
CA PRO B 124 -0.93 -7.58 27.56
C PRO B 124 0.37 -8.35 27.40
N PHE B 125 0.24 -9.59 26.94
CA PHE B 125 1.38 -10.48 26.67
C PHE B 125 2.01 -11.05 27.93
N ASP B 126 1.46 -10.74 29.09
CA ASP B 126 1.94 -11.29 30.35
C ASP B 126 1.64 -12.80 30.46
N LYS B 127 0.50 -13.21 29.93
CA LYS B 127 0.05 -14.58 30.05
C LYS B 127 -0.97 -14.89 28.96
N PHE B 128 -0.72 -15.95 28.18
CA PHE B 128 -1.71 -16.42 27.22
C PHE B 128 -2.37 -17.69 27.74
N PHE B 129 -3.70 -17.74 27.67
CA PHE B 129 -4.38 -18.94 28.11
C PHE B 129 -4.77 -19.67 26.87
N ILE B 130 -4.32 -20.92 26.76
CA ILE B 130 -4.55 -21.71 25.54
C ILE B 130 -5.31 -22.96 25.89
N ASP B 131 -6.04 -23.47 24.92
CA ASP B 131 -6.87 -24.63 25.14
C ASP B 131 -7.50 -25.06 23.84
N TYR B 132 -7.94 -26.32 23.76
CA TYR B 132 -8.58 -26.85 22.53
C TYR B 132 -10.09 -27.00 22.68
N ILE B 133 -10.81 -26.86 21.58
CA ILE B 133 -12.23 -27.16 21.57
C ILE B 133 -12.48 -28.13 20.42
N GLY B 134 -13.06 -29.29 20.74
CA GLY B 134 -13.41 -30.29 19.74
C GLY B 134 -13.39 -31.71 20.29
N PRO B 135 -13.65 -32.72 19.43
CA PRO B 135 -13.85 -32.67 17.98
C PRO B 135 -15.03 -31.81 17.59
N LEU B 136 -15.05 -31.30 16.37
CA LEU B 136 -16.22 -30.65 15.82
C LEU B 136 -16.59 -31.30 14.47
N PRO B 137 -17.76 -30.93 13.91
CA PRO B 137 -18.05 -31.45 12.59
C PRO B 137 -17.05 -30.89 11.59
N PRO B 138 -16.42 -31.76 10.79
CA PRO B 138 -15.45 -31.36 9.77
C PRO B 138 -15.81 -30.05 9.09
N SER B 139 -14.90 -29.08 9.14
CA SER B 139 -15.03 -27.90 8.29
C SER B 139 -13.73 -27.68 7.53
N GLN B 140 -13.78 -27.85 6.20
CA GLN B 140 -12.59 -27.84 5.35
C GLN B 140 -11.54 -28.79 5.93
N GLY B 141 -11.98 -29.95 6.43
CA GLY B 141 -11.07 -30.94 6.98
C GLY B 141 -10.42 -30.52 8.29
N TYR B 142 -10.99 -29.52 8.95
CA TYR B 142 -10.56 -29.13 10.30
C TYR B 142 -11.57 -29.62 11.32
N LEU B 143 -11.10 -29.88 12.55
CA LEU B 143 -11.91 -30.55 13.58
C LEU B 143 -11.85 -29.89 14.95
N TYR B 144 -10.76 -29.18 15.21
CA TYR B 144 -10.56 -28.55 16.51
C TYR B 144 -10.33 -27.06 16.37
N VAL B 145 -10.41 -26.33 17.48
CA VAL B 145 -10.07 -24.92 17.48
C VAL B 145 -9.12 -24.67 18.63
N LEU B 146 -7.95 -24.12 18.34
CA LEU B 146 -7.04 -23.79 19.42
C LEU B 146 -7.42 -22.40 19.88
N VAL B 147 -7.65 -22.25 21.18
CA VAL B 147 -8.13 -21.00 21.71
C VAL B 147 -7.04 -20.32 22.49
N VAL B 148 -6.72 -19.09 22.09
CA VAL B 148 -5.74 -18.30 22.80
C VAL B 148 -6.38 -16.99 23.29
N VAL B 149 -6.24 -16.74 24.58
CA VAL B 149 -6.82 -15.57 25.19
C VAL B 149 -5.76 -14.89 26.00
N ASP B 150 -5.53 -13.61 25.72
CA ASP B 150 -4.62 -12.84 26.54
C ASP B 150 -5.25 -12.56 27.92
N GLY B 151 -4.49 -12.78 28.98
CA GLY B 151 -5.04 -12.70 30.33
C GLY B 151 -5.54 -11.30 30.65
N MET B 152 -4.67 -10.31 30.42
CA MET B 152 -4.95 -8.94 30.81
C MET B 152 -6.02 -8.25 29.98
N THR B 153 -5.99 -8.40 28.65
CA THR B 153 -6.91 -7.67 27.78
C THR B 153 -8.16 -8.48 27.48
N GLY B 154 -8.06 -9.79 27.65
CA GLY B 154 -9.18 -10.65 27.26
C GLY B 154 -9.31 -10.84 25.77
N PHE B 155 -8.27 -10.46 25.02
CA PHE B 155 -8.25 -10.60 23.56
C PHE B 155 -8.16 -12.07 23.19
N THR B 156 -8.92 -12.48 22.17
CA THR B 156 -8.94 -13.88 21.72
C THR B 156 -8.43 -14.11 20.29
N TRP B 157 -7.57 -15.11 20.14
CA TRP B 157 -7.14 -15.58 18.84
C TRP B 157 -7.60 -17.01 18.70
N LEU B 158 -8.12 -17.35 17.53
CA LEU B 158 -8.55 -18.72 17.25
C LEU B 158 -7.77 -19.33 16.08
N TYR B 159 -7.41 -20.60 16.19
CA TYR B 159 -6.74 -21.34 15.11
C TYR B 159 -7.40 -22.69 14.97
N PRO B 160 -7.85 -23.01 13.77
CA PRO B 160 -8.42 -24.30 13.40
C PRO B 160 -7.33 -25.35 13.20
N THR B 161 -7.45 -26.51 13.86
CA THR B 161 -6.48 -27.59 13.66
C THR B 161 -7.15 -28.86 13.16
N LYS B 162 -6.33 -29.81 12.74
CA LYS B 162 -6.85 -31.12 12.34
C LYS B 162 -6.83 -32.08 13.51
N ALA B 163 -6.14 -31.70 14.58
CA ALA B 163 -5.98 -32.56 15.76
C ALA B 163 -5.45 -31.77 16.96
N PRO B 164 -5.72 -32.22 18.19
CA PRO B 164 -5.19 -31.54 19.34
C PRO B 164 -3.77 -32.03 19.68
N SER B 165 -2.90 -32.07 18.68
CA SER B 165 -1.55 -32.63 18.85
C SER B 165 -0.58 -31.54 19.21
N THR B 166 0.60 -31.91 19.69
CA THR B 166 1.69 -30.93 19.88
C THR B 166 2.05 -30.25 18.57
N SER B 167 2.03 -31.04 17.51
CA SER B 167 2.44 -30.59 16.20
C SER B 167 1.54 -29.46 15.74
N ALA B 168 0.22 -29.66 15.85
CA ALA B 168 -0.74 -28.65 15.38
C ALA B 168 -0.71 -27.41 16.28
N THR B 169 -0.33 -27.61 17.54
CA THR B 169 -0.28 -26.52 18.48
C THR B 169 0.91 -25.67 18.09
N VAL B 170 2.03 -26.34 17.86
CA VAL B 170 3.25 -25.64 17.46
C VAL B 170 3.04 -24.87 16.15
N LYS B 171 2.53 -25.54 15.12
CA LYS B 171 2.24 -24.90 13.86
C LYS B 171 1.37 -23.64 14.03
N SER B 172 0.33 -23.73 14.86
CA SER B 172 -0.57 -22.60 15.09
C SER B 172 0.06 -21.45 15.88
N LEU B 173 0.68 -21.78 17.01
CA LEU B 173 1.32 -20.76 17.85
C LEU B 173 2.52 -20.12 17.16
N ASN B 174 3.12 -20.84 16.22
CA ASN B 174 4.15 -20.25 15.39
C ASN B 174 3.66 -19.03 14.63
N VAL B 175 2.41 -19.09 14.20
CA VAL B 175 1.75 -17.96 13.56
C VAL B 175 1.54 -16.82 14.58
N LEU B 176 0.86 -17.12 15.68
CA LEU B 176 0.63 -16.12 16.70
C LEU B 176 1.91 -15.48 17.20
N THR B 177 2.94 -16.28 17.42
CA THR B 177 4.11 -15.74 18.12
C THR B 177 5.02 -15.04 17.15
N SER B 178 4.63 -15.02 15.88
CA SER B 178 5.33 -14.20 14.91
C SER B 178 4.66 -12.81 14.89
N ILE B 179 3.67 -12.63 15.77
CA ILE B 179 2.99 -11.36 15.94
C ILE B 179 3.28 -10.81 17.32
N ALA B 180 3.08 -11.63 18.35
CA ALA B 180 3.45 -11.26 19.70
C ALA B 180 3.81 -12.49 20.52
N ILE B 181 4.79 -12.35 21.42
CA ILE B 181 5.18 -13.49 22.22
C ILE B 181 4.82 -13.27 23.67
N PRO B 182 4.07 -14.21 24.29
CA PRO B 182 3.67 -14.10 25.69
C PRO B 182 4.84 -14.43 26.58
N LYS B 183 4.91 -13.83 27.78
CA LYS B 183 5.93 -14.27 28.74
C LYS B 183 5.61 -15.66 29.29
N VAL B 184 4.32 -15.93 29.48
CA VAL B 184 3.89 -17.20 30.05
C VAL B 184 2.70 -17.70 29.27
N ILE B 185 2.72 -18.99 28.97
CA ILE B 185 1.54 -19.66 28.44
C ILE B 185 1.00 -20.54 29.55
N HIS B 186 -0.32 -20.55 29.71
CA HIS B 186 -0.96 -21.38 30.72
C HIS B 186 -1.97 -22.30 30.05
N SER B 187 -2.01 -23.54 30.50
CA SER B 187 -3.00 -24.50 30.00
C SER B 187 -3.25 -25.54 31.06
N ASP B 188 -4.24 -26.39 30.80
CA ASP B 188 -4.43 -27.61 31.56
C ASP B 188 -3.38 -28.67 31.13
N GLN B 189 -3.57 -29.93 31.54
CA GLN B 189 -2.52 -30.90 31.33
C GLN B 189 -2.80 -31.76 30.13
N GLY B 190 -3.39 -31.15 29.11
CA GLY B 190 -3.52 -31.78 27.80
C GLY B 190 -2.21 -32.41 27.37
N ALA B 191 -2.32 -33.53 26.66
CA ALA B 191 -1.14 -34.25 26.21
C ALA B 191 -0.33 -33.33 25.29
N ALA B 192 -1.03 -32.68 24.36
CA ALA B 192 -0.45 -31.68 23.48
C ALA B 192 0.47 -30.68 24.18
N PHE B 193 0.11 -30.29 25.41
CA PHE B 193 0.83 -29.20 26.08
C PHE B 193 1.89 -29.70 27.04
N THR B 194 1.81 -30.98 27.39
CA THR B 194 2.72 -31.52 28.40
C THR B 194 3.87 -32.31 27.76
N SER B 195 3.80 -32.50 26.44
CA SER B 195 4.86 -33.13 25.67
C SER B 195 6.16 -32.36 25.81
N SER B 196 7.28 -33.04 25.71
CA SER B 196 8.57 -32.35 25.78
C SER B 196 8.94 -31.64 24.46
N THR B 197 8.25 -31.98 23.39
CA THR B 197 8.34 -31.21 22.16
C THR B 197 7.82 -29.79 22.39
N PHE B 198 6.60 -29.68 22.91
CA PHE B 198 6.04 -28.38 23.22
C PHE B 198 6.93 -27.64 24.22
N ALA B 199 7.60 -28.36 25.11
CA ALA B 199 8.44 -27.70 26.10
C ALA B 199 9.76 -27.18 25.51
N GLU B 200 10.30 -27.91 24.53
CA GLU B 200 11.48 -27.45 23.82
C GLU B 200 11.12 -26.15 23.10
N TRP B 201 10.01 -26.20 22.37
CA TRP B 201 9.47 -25.05 21.64
C TRP B 201 9.36 -23.79 22.49
N ALA B 202 8.84 -23.94 23.70
CA ALA B 202 8.60 -22.80 24.55
C ALA B 202 9.92 -22.26 25.05
N LYS B 203 10.84 -23.17 25.31
CA LYS B 203 12.14 -22.79 25.86
C LYS B 203 12.93 -22.01 24.81
N GLU B 204 12.87 -22.48 23.55
CA GLU B 204 13.52 -21.81 22.45
C GLU B 204 13.06 -20.35 22.41
N ARG B 205 11.78 -20.15 22.70
CA ARG B 205 11.17 -18.84 22.53
C ARG B 205 11.17 -18.03 23.82
N GLY B 206 11.70 -18.62 24.90
CA GLY B 206 11.77 -17.95 26.20
C GLY B 206 10.39 -17.78 26.85
N ILE B 207 9.50 -18.72 26.61
CA ILE B 207 8.17 -18.71 27.21
C ILE B 207 8.14 -19.69 28.39
N HIS B 208 7.72 -19.23 29.56
CA HIS B 208 7.50 -20.11 30.67
C HIS B 208 6.14 -20.79 30.51
N LEU B 209 6.12 -22.11 30.68
CA LEU B 209 4.87 -22.88 30.64
C LEU B 209 4.30 -23.09 32.03
N GLU B 210 2.99 -22.94 32.14
CA GLU B 210 2.31 -23.03 33.41
C GLU B 210 1.12 -23.93 33.30
N PHE B 211 1.09 -24.94 34.14
CA PHE B 211 0.00 -25.88 34.14
C PHE B 211 -0.88 -25.79 35.37
N SER B 212 -2.18 -25.88 35.16
CA SER B 212 -3.13 -26.05 36.23
C SER B 212 -3.10 -27.52 36.69
N THR B 213 -3.32 -27.76 37.98
CA THR B 213 -3.32 -29.12 38.52
C THR B 213 -4.45 -29.95 37.87
N PRO B 214 -4.22 -31.25 37.63
CA PRO B 214 -5.19 -32.08 36.90
C PRO B 214 -6.60 -32.03 37.49
N TYR B 215 -7.59 -32.06 36.61
CA TYR B 215 -9.01 -32.07 36.97
C TYR B 215 -9.49 -30.76 37.64
N HIS B 216 -8.55 -29.85 37.93
CA HIS B 216 -8.90 -28.57 38.52
C HIS B 216 -8.39 -27.36 37.71
N PRO B 217 -9.09 -27.01 36.59
CA PRO B 217 -8.66 -25.86 35.74
C PRO B 217 -8.82 -24.49 36.44
N GLN B 218 -7.78 -23.65 36.41
CA GLN B 218 -7.80 -22.30 37.00
C GLN B 218 -7.33 -21.26 35.99
N SER B 219 -8.09 -20.18 35.82
CA SER B 219 -7.68 -19.10 34.94
C SER B 219 -7.74 -17.81 35.74
N SER B 220 -8.69 -16.97 35.36
CA SER B 220 -9.08 -15.82 36.12
C SER B 220 -10.55 -15.66 35.75
N GLY B 221 -11.27 -14.82 36.52
CA GLY B 221 -12.67 -14.54 36.24
C GLY B 221 -12.86 -14.18 34.79
N LYS B 222 -12.04 -13.23 34.33
CA LYS B 222 -12.07 -12.72 32.97
C LYS B 222 -11.96 -13.81 31.88
N VAL B 223 -10.95 -14.66 32.04
CA VAL B 223 -10.65 -15.71 31.07
C VAL B 223 -11.75 -16.77 31.11
N GLU B 224 -12.12 -17.20 32.31
CA GLU B 224 -13.18 -18.19 32.46
C GLU B 224 -14.43 -17.76 31.71
N ARG B 225 -14.81 -16.49 31.90
CA ARG B 225 -15.98 -15.91 31.24
C ARG B 225 -15.84 -15.86 29.72
N LYS B 226 -14.66 -15.42 29.26
CA LYS B 226 -14.35 -15.37 27.84
C LYS B 226 -14.47 -16.74 27.20
N ASN B 227 -13.87 -17.75 27.82
CA ASN B 227 -13.91 -19.13 27.30
C ASN B 227 -15.32 -19.67 27.28
N SER B 228 -16.13 -19.20 28.23
CA SER B 228 -17.55 -19.54 28.26
C SER B 228 -18.23 -18.94 27.02
N ASP B 229 -18.03 -17.64 26.80
CA ASP B 229 -18.61 -16.96 25.65
C ASP B 229 -18.25 -17.65 24.35
N ILE B 230 -16.97 -18.03 24.20
CA ILE B 230 -16.47 -18.62 22.97
C ILE B 230 -17.23 -19.90 22.67
N LYS B 231 -17.23 -20.82 23.63
CA LYS B 231 -17.97 -22.08 23.47
C LYS B 231 -19.44 -21.75 23.15
N ARG B 232 -20.05 -20.88 23.95
CA ARG B 232 -21.45 -20.52 23.72
C ARG B 232 -21.66 -19.93 22.35
N LEU B 233 -20.80 -19.01 21.96
CA LEU B 233 -20.91 -18.40 20.63
C LEU B 233 -20.72 -19.41 19.50
N LEU B 234 -19.69 -20.24 19.59
CA LEU B 234 -19.47 -21.27 18.60
C LEU B 234 -20.71 -22.13 18.44
N THR B 235 -21.16 -22.72 19.57
CA THR B 235 -22.35 -23.59 19.60
C THR B 235 -23.52 -22.95 18.87
N LYS B 236 -23.71 -21.65 19.10
CA LYS B 236 -24.83 -20.96 18.51
C LYS B 236 -24.77 -20.95 17.00
N LEU B 237 -23.60 -20.72 16.43
CA LEU B 237 -23.54 -20.50 14.99
C LEU B 237 -23.32 -21.78 14.17
N LEU B 238 -22.77 -22.80 14.82
CA LEU B 238 -22.57 -24.09 14.16
C LEU B 238 -23.87 -24.92 14.03
N VAL B 239 -24.94 -24.52 14.72
CA VAL B 239 -26.26 -25.12 14.45
C VAL B 239 -26.86 -24.43 13.23
N GLY B 240 -27.59 -25.19 12.42
CA GLY B 240 -28.05 -24.68 11.12
C GLY B 240 -26.97 -24.83 10.03
N ARG B 241 -25.70 -24.67 10.41
CA ARG B 241 -24.58 -24.86 9.48
C ARG B 241 -23.35 -25.44 10.19
N PRO B 242 -23.42 -26.73 10.59
CA PRO B 242 -22.40 -27.36 11.45
C PRO B 242 -21.05 -27.54 10.78
N THR B 243 -20.94 -27.02 9.56
CA THR B 243 -19.89 -27.37 8.62
C THR B 243 -19.23 -26.12 8.02
N LYS B 244 -19.84 -24.97 8.28
CA LYS B 244 -19.37 -23.72 7.68
C LYS B 244 -18.49 -22.92 8.67
N TRP B 245 -18.14 -23.50 9.81
CA TRP B 245 -17.42 -22.74 10.87
C TRP B 245 -16.02 -22.23 10.52
N TYR B 246 -15.30 -22.97 9.68
CA TYR B 246 -13.98 -22.53 9.27
C TYR B 246 -14.02 -21.08 8.74
N ASP B 247 -14.99 -20.78 7.88
CA ASP B 247 -15.11 -19.45 7.28
C ASP B 247 -15.53 -18.43 8.31
N LEU B 248 -16.18 -18.89 9.38
CA LEU B 248 -16.77 -18.00 10.36
C LEU B 248 -15.83 -17.52 11.45
N LEU B 249 -14.71 -18.23 11.65
CA LEU B 249 -13.73 -17.87 12.66
C LEU B 249 -13.34 -16.39 12.68
N PRO B 250 -13.09 -15.78 11.51
CA PRO B 250 -12.76 -14.37 11.56
C PRO B 250 -13.83 -13.50 12.23
N VAL B 251 -15.10 -13.69 11.87
CA VAL B 251 -16.15 -12.88 12.46
C VAL B 251 -16.47 -13.26 13.91
N VAL B 252 -16.25 -14.51 14.28
CA VAL B 252 -16.33 -14.88 15.69
C VAL B 252 -15.31 -14.07 16.50
N GLN B 253 -14.09 -14.02 16.01
CA GLN B 253 -13.03 -13.31 16.74
C GLN B 253 -13.37 -11.84 16.87
N LEU B 254 -13.86 -11.23 15.79
CA LEU B 254 -14.16 -9.81 15.82
C LEU B 254 -15.23 -9.52 16.84
N ALA B 255 -16.24 -10.41 16.89
CA ALA B 255 -17.31 -10.29 17.86
C ALA B 255 -16.70 -10.36 19.24
N LEU B 256 -16.05 -11.48 19.55
CA LEU B 256 -15.44 -11.66 20.86
C LEU B 256 -14.57 -10.50 21.30
N ASN B 257 -13.79 -9.96 20.36
CA ASN B 257 -12.81 -8.93 20.71
C ASN B 257 -13.41 -7.54 20.76
N ASN B 258 -14.58 -7.36 20.15
CA ASN B 258 -15.27 -6.08 20.22
C ASN B 258 -16.53 -6.16 21.07
N THR B 259 -16.50 -7.08 22.04
CA THR B 259 -17.58 -7.26 22.99
C THR B 259 -17.19 -6.52 24.26
N TYR B 260 -18.15 -5.76 24.80
CA TYR B 260 -17.91 -4.89 25.95
C TYR B 260 -17.66 -5.72 27.24
N SER B 261 -16.64 -5.33 28.01
CA SER B 261 -16.31 -5.99 29.29
C SER B 261 -17.05 -5.32 30.45
N PRO B 262 -18.02 -6.05 31.07
CA PRO B 262 -18.74 -5.51 32.23
C PRO B 262 -17.79 -4.95 33.30
N VAL B 263 -16.83 -5.77 33.73
CA VAL B 263 -15.89 -5.45 34.82
C VAL B 263 -14.95 -4.25 34.53
N LEU B 264 -14.21 -4.30 33.42
CA LEU B 264 -13.50 -3.09 32.92
C LEU B 264 -14.42 -2.30 31.96
N LYS B 265 -14.11 -1.03 31.74
CA LYS B 265 -14.98 -0.19 30.91
C LYS B 265 -14.84 -0.47 29.40
N TYR B 266 -13.97 -1.41 29.03
CA TYR B 266 -13.47 -1.49 27.64
C TYR B 266 -13.52 -2.87 26.98
N THR B 267 -13.47 -2.89 25.65
CA THR B 267 -13.34 -4.13 24.89
C THR B 267 -11.86 -4.56 24.84
N PRO B 268 -11.59 -5.85 24.56
CA PRO B 268 -10.21 -6.30 24.36
C PRO B 268 -9.47 -5.50 23.28
N HIS B 269 -10.15 -5.23 22.16
CA HIS B 269 -9.59 -4.39 21.13
C HIS B 269 -9.04 -3.09 21.73
N GLN B 270 -9.88 -2.43 22.51
CA GLN B 270 -9.50 -1.15 23.06
C GLN B 270 -8.31 -1.27 23.99
N LEU B 271 -8.27 -2.37 24.73
CA LEU B 271 -7.24 -2.59 25.73
C LEU B 271 -5.94 -3.01 25.08
N LEU B 272 -6.04 -3.74 23.98
CA LEU B 272 -4.85 -4.13 23.21
C LEU B 272 -4.27 -2.97 22.38
N PHE B 273 -5.11 -2.22 21.67
CA PHE B 273 -4.62 -1.22 20.76
C PHE B 273 -4.75 0.22 21.26
N GLY B 274 -5.54 0.46 22.30
CA GLY B 274 -5.75 1.81 22.80
C GLY B 274 -6.53 2.73 21.89
N ILE B 275 -7.43 2.16 21.08
CA ILE B 275 -8.30 2.93 20.19
C ILE B 275 -9.65 2.23 20.03
N ASP B 276 -10.64 2.96 19.53
CA ASP B 276 -11.92 2.35 19.19
C ASP B 276 -11.71 1.50 17.97
N SER B 277 -12.65 0.59 17.72
CA SER B 277 -12.55 -0.34 16.63
C SER B 277 -13.40 0.15 15.46
N ASN B 278 -13.13 -0.34 14.25
CA ASN B 278 -13.93 0.06 13.11
C ASN B 278 -15.14 -0.85 12.91
N THR B 279 -15.23 -1.88 13.73
CA THR B 279 -16.36 -2.76 13.75
C THR B 279 -16.83 -2.81 15.19
N PRO B 280 -17.67 -1.83 15.59
CA PRO B 280 -18.20 -1.95 16.95
C PRO B 280 -19.39 -2.90 16.90
N PHE B 281 -19.40 -3.92 17.75
CA PHE B 281 -20.54 -4.82 17.79
C PHE B 281 -21.51 -4.33 18.86
N ALA B 282 -22.36 -3.38 18.45
CA ALA B 282 -23.39 -2.77 19.29
C ALA B 282 -24.50 -3.77 19.62
N ASN B 283 -24.76 -4.69 18.70
CA ASN B 283 -25.75 -5.78 18.87
C ASN B 283 -25.27 -6.92 19.79
N GLN B 284 -25.04 -6.61 21.08
CA GLN B 284 -24.80 -7.64 22.10
C GLN B 284 -25.98 -8.62 22.01
N ASP B 285 -25.72 -9.79 21.41
CA ASP B 285 -26.74 -10.75 20.99
C ASP B 285 -27.45 -11.46 22.17
N THR B 286 -28.26 -12.48 21.86
CA THR B 286 -28.83 -13.34 22.91
C THR B 286 -27.77 -14.33 23.41
N LEU B 287 -27.05 -14.95 22.46
CA LEU B 287 -26.04 -15.96 22.77
C LEU B 287 -26.70 -17.24 23.26
N ASP B 288 -28.00 -17.16 23.50
CA ASP B 288 -28.80 -18.32 23.87
C ASP B 288 -29.43 -18.93 22.63
N LEU B 289 -29.86 -20.17 22.78
CA LEU B 289 -30.47 -20.92 21.69
C LEU B 289 -31.98 -20.61 21.60
N THR B 290 -32.46 -20.28 20.39
CA THR B 290 -33.90 -20.13 20.14
C THR B 290 -34.56 -21.51 20.13
N ARG B 291 -35.89 -21.56 20.31
CA ARG B 291 -36.60 -22.84 20.35
C ARG B 291 -36.48 -23.62 19.03
N GLU B 292 -36.27 -22.87 17.93
CA GLU B 292 -35.86 -23.43 16.65
C GLU B 292 -34.51 -24.15 16.75
N GLU B 293 -33.48 -23.41 17.19
CA GLU B 293 -32.11 -23.91 17.34
C GLU B 293 -31.97 -25.04 18.36
N GLU B 294 -32.85 -25.05 19.37
CA GLU B 294 -32.85 -26.10 20.40
C GLU B 294 -33.26 -27.45 19.80
N LEU B 295 -34.40 -27.45 19.11
CA LEU B 295 -34.94 -28.65 18.46
C LEU B 295 -34.15 -29.07 17.21
N SER B 296 -33.34 -28.15 16.67
CA SER B 296 -32.44 -28.43 15.56
C SER B 296 -31.15 -29.14 15.98
N LEU B 297 -30.62 -28.76 17.16
CA LEU B 297 -29.41 -29.38 17.74
C LEU B 297 -29.68 -30.75 18.40
N LEU B 298 -30.95 -31.03 18.74
CA LEU B 298 -31.38 -32.34 19.24
C LEU B 298 -31.63 -33.33 18.08
N GLN B 299 -31.66 -32.81 16.85
CA GLN B 299 -31.82 -33.62 15.63
C GLN B 299 -30.47 -34.05 14.99
N GLU B 300 -29.49 -33.14 14.99
CA GLU B 300 -28.12 -33.43 14.51
C GLU B 300 -27.47 -34.58 15.30
N ILE B 301 -27.77 -34.63 16.61
CA ILE B 301 -27.36 -35.75 17.48
C ILE B 301 -28.23 -37.00 17.23
N ARG B 302 -29.56 -36.83 17.19
CA ARG B 302 -30.50 -37.94 16.95
C ARG B 302 -30.68 -38.21 15.45
#